data_7AAX
#
_entry.id   7AAX
#
_cell.length_a   92.725
_cell.length_b   92.787
_cell.length_c   70.994
_cell.angle_alpha   90.000
_cell.angle_beta   90.000
_cell.angle_gamma   90.000
#
_symmetry.space_group_name_H-M   'C 2 2 21'
#
loop_
_entity.id
_entity.type
_entity.pdbx_description
1 polymer 'Tyrosine-protein kinase Mer'
2 non-polymer ~{N}-[4-(6,7-dimethoxyquinolin-4-yl)oxy-3-fluoranyl-phenyl]-4-ethoxy-1-(4-fluoranyl-2-methyl-phenyl)pyrazole-3-carboxamide
3 non-polymer 'CHLORIDE ION'
4 water water
#
_entity_poly.entity_id   1
_entity_poly.type   'polypeptide(L)'
_entity_poly.pdbx_seq_one_letter_code
;GSHMEELQNKLEDVVIDRNLLILGRILGEGEFGSVMEGNLKQEDGTSLKVAVKTMKLDNSSQREIEEFLSEAACMKDFSH
PNVIRLLGVCIEMSSQGIPKPMVILPFMKYGDLHTYLLYSRLETGPRHIPLQTLLRFMVDIALGMEYLSNRNFLHRDLAA
RNCMLRDDMTVCVADFGLSKKIYSGDYYRQGRIAKMPVKWIAIESLADRVYTSKSDVWAFGVTMWEIATRGMTPYPGVQN
HEMYDYLLHGHRLKQPEDCLDELYEIMYSCWRTDPLDRPTFSVLRLQLERLLESLPDV
;
_entity_poly.pdbx_strand_id   A
#
loop_
_chem_comp.id
_chem_comp.type
_chem_comp.name
_chem_comp.formula
CL non-polymer 'CHLORIDE ION' 'Cl -1'
R6H non-polymer ~{N}-[4-(6,7-dimethoxyquinolin-4-yl)oxy-3-fluoranyl-phenyl]-4-ethoxy-1-(4-fluoranyl-2-methyl-phenyl)pyrazole-3-carboxamide 'C30 H26 F2 N4 O5'
#
# COMPACT_ATOMS: atom_id res chain seq x y z
N GLY A 1 9.48 -30.20 -7.90
CA GLY A 1 10.59 -29.57 -7.07
C GLY A 1 10.08 -28.83 -5.83
N SER A 2 10.97 -28.22 -5.06
N SER A 2 11.00 -28.23 -5.09
CA SER A 2 10.53 -27.45 -3.89
CA SER A 2 10.69 -27.44 -3.90
C SER A 2 9.85 -26.14 -4.28
C SER A 2 9.90 -26.17 -4.28
N HIS A 3 10.41 -25.42 -5.26
CA HIS A 3 9.71 -24.23 -5.86
C HIS A 3 8.24 -24.44 -6.14
N MET A 4 7.93 -25.53 -6.84
CA MET A 4 6.55 -25.87 -7.14
C MET A 4 5.80 -26.42 -5.91
N GLU A 5 6.54 -27.09 -5.02
CA GLU A 5 5.94 -27.63 -3.77
C GLU A 5 5.41 -26.49 -2.93
N GLU A 6 6.23 -25.46 -2.75
CA GLU A 6 5.84 -24.25 -2.01
C GLU A 6 4.71 -23.48 -2.64
N LEU A 7 4.59 -23.52 -3.97
CA LEU A 7 3.44 -22.89 -4.63
C LEU A 7 2.16 -23.67 -4.35
N GLN A 8 2.23 -25.00 -4.47
CA GLN A 8 1.08 -25.83 -4.18
C GLN A 8 0.62 -25.73 -2.71
N ASN A 9 1.55 -25.51 -1.80
CA ASN A 9 1.24 -25.38 -0.36
C ASN A 9 0.43 -24.10 -0.17
N LYS A 10 1.00 -22.98 -0.61
CA LYS A 10 0.35 -21.67 -0.54
C LYS A 10 -1.03 -21.68 -1.19
N LEU A 11 -1.19 -22.36 -2.33
CA LEU A 11 -2.50 -22.43 -3.02
C LEU A 11 -3.55 -23.16 -2.20
N GLU A 12 -3.10 -24.15 -1.43
CA GLU A 12 -4.01 -24.99 -0.65
C GLU A 12 -4.66 -24.16 0.46
N ASP A 13 -3.89 -23.22 1.00
CA ASP A 13 -4.25 -22.41 2.15
C ASP A 13 -5.15 -21.22 1.84
N VAL A 14 -5.15 -20.73 0.59
CA VAL A 14 -5.68 -19.41 0.27
C VAL A 14 -7.18 -19.35 0.00
N VAL A 15 -7.78 -20.49 -0.36
CA VAL A 15 -9.19 -20.53 -0.76
C VAL A 15 -10.11 -20.65 0.47
N ILE A 16 -11.19 -19.87 0.47
CA ILE A 16 -12.20 -19.86 1.52
C ILE A 16 -13.54 -20.23 0.89
N ASP A 17 -14.26 -21.15 1.51
CA ASP A 17 -15.62 -21.50 1.06
C ASP A 17 -16.55 -20.30 1.10
N ARG A 18 -17.26 -20.06 -0.01
CA ARG A 18 -18.19 -18.94 -0.13
C ARG A 18 -19.24 -18.84 0.99
N ASN A 19 -19.68 -19.98 1.48
CA ASN A 19 -20.69 -19.96 2.54
C ASN A 19 -20.13 -19.71 3.94
N LEU A 20 -18.82 -19.50 4.09
CA LEU A 20 -18.27 -19.02 5.36
C LEU A 20 -18.29 -17.50 5.48
N LEU A 21 -18.94 -16.85 4.51
CA LEU A 21 -18.82 -15.44 4.24
C LEU A 21 -20.18 -14.86 4.05
N ILE A 22 -20.46 -13.77 4.76
CA ILE A 22 -21.62 -12.97 4.42
C ILE A 22 -21.20 -11.55 4.11
N LEU A 23 -21.77 -11.01 3.03
CA LEU A 23 -21.43 -9.71 2.51
C LEU A 23 -22.47 -8.71 2.95
N GLY A 24 -22.02 -7.59 3.53
CA GLY A 24 -22.93 -6.54 3.97
C GLY A 24 -22.89 -5.34 3.07
N ARG A 25 -22.73 -4.18 3.69
CA ARG A 25 -22.81 -2.90 2.98
C ARG A 25 -21.61 -2.61 2.07
N ILE A 26 -21.86 -1.79 1.05
CA ILE A 26 -20.80 -1.31 0.16
C ILE A 26 -19.96 -0.22 0.86
N LEU A 27 -18.65 -0.39 0.86
CA LEU A 27 -17.73 0.60 1.36
C LEU A 27 -17.13 1.43 0.21
N GLY A 28 -17.09 0.90 -1.00
CA GLY A 28 -16.50 1.60 -2.14
C GLY A 28 -16.83 0.88 -3.44
N GLU A 29 -16.97 1.65 -4.52
CA GLU A 29 -17.53 1.13 -5.76
C GLU A 29 -16.98 1.90 -6.96
N GLY A 30 -16.40 1.17 -7.92
CA GLY A 30 -15.77 1.79 -9.10
C GLY A 30 -15.81 0.87 -10.31
N GLU A 31 -15.12 1.27 -11.39
CA GLU A 31 -15.00 0.47 -12.63
C GLU A 31 -14.31 -0.87 -12.32
N PHE A 32 -13.16 -0.78 -11.65
CA PHE A 32 -12.40 -1.95 -11.17
C PHE A 32 -13.26 -2.99 -10.42
N GLY A 33 -14.15 -2.52 -9.56
CA GLY A 33 -14.96 -3.41 -8.74
C GLY A 33 -15.56 -2.74 -7.53
N SER A 34 -15.55 -3.45 -6.40
CA SER A 34 -16.20 -2.96 -5.21
C SER A 34 -15.56 -3.52 -3.96
N VAL A 35 -15.72 -2.80 -2.86
CA VAL A 35 -15.30 -3.26 -1.56
C VAL A 35 -16.56 -3.22 -0.72
N MET A 36 -16.79 -4.31 0.00
CA MET A 36 -17.93 -4.42 0.91
C MET A 36 -17.47 -4.91 2.27
N GLU A 37 -18.18 -4.53 3.31
CA GLU A 37 -17.92 -5.11 4.62
C GLU A 37 -18.54 -6.50 4.61
N GLY A 38 -18.01 -7.36 5.45
CA GLY A 38 -18.53 -8.70 5.60
C GLY A 38 -18.18 -9.33 6.91
N ASN A 39 -18.68 -10.54 7.10
CA ASN A 39 -18.29 -11.40 8.21
C ASN A 39 -17.71 -12.66 7.64
N LEU A 40 -16.69 -13.15 8.30
CA LEU A 40 -16.09 -14.43 7.97
C LEU A 40 -16.15 -15.37 9.14
N LYS A 41 -16.75 -16.54 8.93
CA LYS A 41 -16.77 -17.58 9.98
C LYS A 41 -15.46 -18.30 9.95
N GLN A 42 -14.82 -18.36 11.10
CA GLN A 42 -13.58 -19.08 11.26
C GLN A 42 -13.77 -20.51 11.86
N GLU A 43 -12.69 -21.30 11.82
CA GLU A 43 -12.62 -22.66 12.36
C GLU A 43 -13.27 -22.82 13.73
N ASP A 44 -13.02 -21.88 14.66
CA ASP A 44 -13.58 -21.97 16.02
C ASP A 44 -15.07 -21.63 16.17
N GLY A 45 -15.83 -21.54 15.08
CA GLY A 45 -17.23 -21.13 15.15
C GLY A 45 -17.48 -19.62 15.28
N THR A 46 -16.49 -18.84 15.75
CA THR A 46 -16.63 -17.38 15.86
C THR A 46 -16.34 -16.68 14.54
N SER A 47 -16.87 -15.48 14.45
CA SER A 47 -16.84 -14.73 13.21
C SER A 47 -16.00 -13.49 13.37
N LEU A 48 -15.47 -13.04 12.23
CA LEU A 48 -14.53 -11.93 12.16
C LEU A 48 -15.05 -10.90 11.14
N LYS A 49 -14.92 -9.61 11.48
CA LYS A 49 -15.37 -8.58 10.57
C LYS A 49 -14.28 -8.49 9.51
N VAL A 50 -14.69 -8.43 8.26
CA VAL A 50 -13.78 -8.33 7.15
C VAL A 50 -14.17 -7.29 6.12
N ALA A 51 -13.23 -6.95 5.24
CA ALA A 51 -13.52 -6.25 4.02
C ALA A 51 -13.31 -7.25 2.90
N VAL A 52 -14.12 -7.14 1.84
CA VAL A 52 -14.11 -8.06 0.71
C VAL A 52 -14.08 -7.24 -0.57
N LYS A 53 -13.00 -7.35 -1.33
CA LYS A 53 -12.87 -6.62 -2.59
C LYS A 53 -13.26 -7.57 -3.68
N THR A 54 -14.20 -7.19 -4.54
CA THR A 54 -14.63 -8.03 -5.67
C THR A 54 -14.21 -7.40 -7.01
N MET A 55 -13.53 -8.17 -7.86
CA MET A 55 -12.95 -7.68 -9.13
C MET A 55 -13.93 -7.89 -10.29
N SER A 61 -9.28 -15.73 -19.37
CA SER A 61 -10.51 -15.94 -18.60
C SER A 61 -10.29 -16.94 -17.46
N GLN A 62 -9.80 -18.13 -17.79
CA GLN A 62 -9.38 -19.14 -16.80
C GLN A 62 -7.96 -18.77 -16.31
N ARG A 63 -7.09 -18.45 -17.26
CA ARG A 63 -5.71 -18.02 -17.01
C ARG A 63 -5.67 -16.85 -16.00
N GLU A 64 -6.53 -15.85 -16.24
CA GLU A 64 -6.66 -14.68 -15.36
C GLU A 64 -6.97 -15.09 -13.92
N ILE A 65 -7.91 -16.03 -13.77
CA ILE A 65 -8.28 -16.56 -12.45
C ILE A 65 -7.14 -17.28 -11.73
N GLU A 66 -6.38 -18.09 -12.46
CA GLU A 66 -5.23 -18.81 -11.91
C GLU A 66 -4.11 -17.87 -11.55
N GLU A 67 -3.93 -16.82 -12.35
CA GLU A 67 -2.97 -15.72 -12.07
C GLU A 67 -3.35 -15.06 -10.76
N PHE A 68 -4.64 -14.78 -10.62
CA PHE A 68 -5.20 -14.16 -9.42
C PHE A 68 -4.97 -15.06 -8.19
N LEU A 69 -5.26 -16.36 -8.32
CA LEU A 69 -5.05 -17.31 -7.22
C LEU A 69 -3.58 -17.42 -6.82
N SER A 70 -2.71 -17.52 -7.81
CA SER A 70 -1.27 -17.58 -7.57
C SER A 70 -0.78 -16.36 -6.83
N GLU A 71 -1.17 -15.19 -7.32
CA GLU A 71 -0.78 -13.92 -6.70
C GLU A 71 -1.29 -13.83 -5.28
N ALA A 72 -2.56 -14.16 -5.10
CA ALA A 72 -3.18 -14.20 -3.77
C ALA A 72 -2.47 -15.13 -2.83
N ALA A 73 -2.13 -16.31 -3.31
CA ALA A 73 -1.44 -17.30 -2.51
C ALA A 73 -0.09 -16.75 -1.97
N CYS A 74 0.60 -16.00 -2.80
CA CYS A 74 1.85 -15.37 -2.41
C CYS A 74 1.63 -14.26 -1.34
N MET A 75 0.64 -13.37 -1.55
CA MET A 75 0.31 -12.30 -0.57
C MET A 75 -0.03 -12.90 0.80
N LYS A 76 -0.86 -13.95 0.82
CA LYS A 76 -1.27 -14.60 2.08
C LYS A 76 -0.09 -15.15 2.90
N ASP A 77 0.92 -15.64 2.19
CA ASP A 77 2.14 -16.14 2.84
C ASP A 77 3.03 -15.02 3.49
N PHE A 78 2.89 -13.78 3.07
CA PHE A 78 3.56 -12.68 3.78
C PHE A 78 3.08 -12.58 5.23
N SER A 79 4.02 -12.36 6.15
CA SER A 79 3.69 -12.25 7.54
C SER A 79 4.55 -11.15 8.13
N HIS A 80 3.97 -9.98 8.30
CA HIS A 80 4.69 -8.83 8.86
C HIS A 80 3.63 -7.83 9.38
N PRO A 81 3.84 -7.26 10.59
CA PRO A 81 2.82 -6.38 11.16
C PRO A 81 2.48 -5.09 10.36
N ASN A 82 3.37 -4.64 9.49
CA ASN A 82 3.17 -3.52 8.57
C ASN A 82 2.85 -3.89 7.13
N VAL A 83 2.35 -5.10 6.91
CA VAL A 83 1.87 -5.52 5.56
C VAL A 83 0.48 -6.09 5.80
N ILE A 84 -0.49 -5.73 4.99
CA ILE A 84 -1.85 -6.19 5.25
C ILE A 84 -1.90 -7.71 5.22
N ARG A 85 -2.69 -8.32 6.09
CA ARG A 85 -2.83 -9.77 6.02
C ARG A 85 -4.02 -10.17 5.13
N LEU A 86 -3.73 -10.96 4.11
CA LEU A 86 -4.80 -11.48 3.26
C LEU A 86 -5.31 -12.75 3.95
N LEU A 87 -6.57 -12.77 4.33
CA LEU A 87 -7.15 -13.95 4.99
C LEU A 87 -7.44 -15.05 3.97
N GLY A 88 -7.83 -14.68 2.75
CA GLY A 88 -8.01 -15.66 1.67
C GLY A 88 -8.79 -15.05 0.53
N VAL A 89 -9.29 -15.90 -0.35
CA VAL A 89 -10.03 -15.52 -1.54
C VAL A 89 -11.17 -16.50 -1.78
N CYS A 90 -12.26 -16.04 -2.40
CA CYS A 90 -13.34 -16.89 -2.92
C CYS A 90 -13.49 -16.55 -4.36
N ILE A 91 -13.93 -17.52 -5.16
CA ILE A 91 -14.35 -17.26 -6.52
C ILE A 91 -15.85 -17.51 -6.55
N GLU A 92 -16.62 -16.49 -6.89
CA GLU A 92 -18.05 -16.60 -7.18
C GLU A 92 -18.17 -16.56 -8.70
N MET A 93 -19.27 -17.06 -9.26
CA MET A 93 -19.43 -17.06 -10.74
C MET A 93 -20.61 -16.16 -11.11
N SER A 94 -20.45 -15.29 -12.12
CA SER A 94 -21.57 -14.47 -12.64
C SER A 94 -22.64 -15.34 -13.30
N SER A 95 -23.88 -14.86 -13.26
CA SER A 95 -24.98 -15.52 -13.97
C SER A 95 -24.75 -15.56 -15.50
N GLN A 96 -23.89 -14.69 -16.03
CA GLN A 96 -23.39 -14.83 -17.43
C GLN A 96 -22.09 -15.66 -17.58
N GLY A 97 -21.81 -16.54 -16.61
CA GLY A 97 -20.64 -17.43 -16.64
C GLY A 97 -19.26 -16.77 -16.62
N ILE A 98 -19.13 -15.62 -15.94
CA ILE A 98 -17.83 -14.93 -15.77
C ILE A 98 -17.48 -14.99 -14.27
N PRO A 99 -16.27 -15.49 -13.93
CA PRO A 99 -15.92 -15.60 -12.51
C PRO A 99 -15.78 -14.23 -11.80
N LYS A 100 -16.27 -14.16 -10.57
CA LYS A 100 -16.20 -12.96 -9.74
C LYS A 100 -15.25 -13.26 -8.57
N PRO A 101 -13.95 -12.96 -8.73
CA PRO A 101 -12.97 -13.20 -7.67
C PRO A 101 -13.12 -12.21 -6.51
N MET A 102 -12.91 -12.68 -5.29
CA MET A 102 -13.08 -11.87 -4.08
C MET A 102 -11.87 -12.04 -3.19
N VAL A 103 -11.34 -10.94 -2.69
CA VAL A 103 -10.22 -10.94 -1.78
C VAL A 103 -10.73 -10.53 -0.38
N ILE A 104 -10.37 -11.28 0.64
CA ILE A 104 -10.88 -11.09 1.97
C ILE A 104 -9.75 -10.62 2.88
N LEU A 105 -9.95 -9.48 3.53
CA LEU A 105 -8.96 -8.92 4.45
C LEU A 105 -9.62 -8.54 5.78
N PRO A 106 -8.85 -8.42 6.87
CA PRO A 106 -9.47 -7.91 8.11
C PRO A 106 -10.00 -6.48 7.92
N PHE A 107 -11.10 -6.15 8.56
CA PHE A 107 -11.76 -4.87 8.33
C PHE A 107 -11.03 -3.86 9.17
N MET A 108 -10.64 -2.73 8.56
CA MET A 108 -9.93 -1.71 9.31
C MET A 108 -10.74 -0.44 9.31
N LYS A 109 -11.35 -0.14 10.48
CA LYS A 109 -12.38 0.89 10.57
C LYS A 109 -11.86 2.26 10.19
N TYR A 110 -10.57 2.50 10.44
CA TYR A 110 -10.02 3.82 10.13
C TYR A 110 -9.78 4.01 8.67
N GLY A 111 -9.74 2.93 7.89
CA GLY A 111 -9.72 3.10 6.43
C GLY A 111 -8.31 3.43 5.91
N ASP A 112 -8.25 3.96 4.69
CA ASP A 112 -6.98 4.28 4.06
C ASP A 112 -6.31 5.56 4.59
N LEU A 113 -5.00 5.54 4.60
CA LEU A 113 -4.21 6.64 5.18
C LEU A 113 -4.50 8.01 4.52
N HIS A 114 -4.66 8.02 3.20
CA HIS A 114 -4.93 9.29 2.51
C HIS A 114 -6.17 10.01 2.99
N THR A 115 -7.28 9.30 3.12
CA THR A 115 -8.51 9.92 3.57
C THR A 115 -8.40 10.35 5.02
N TYR A 116 -7.74 9.53 5.82
CA TYR A 116 -7.57 9.83 7.22
C TYR A 116 -6.77 11.12 7.42
N LEU A 117 -5.72 11.31 6.63
CA LEU A 117 -4.96 12.59 6.64
C LEU A 117 -5.88 13.76 6.37
N LEU A 118 -6.74 13.64 5.35
CA LEU A 118 -7.61 14.72 4.98
C LEU A 118 -8.65 14.95 6.09
N TYR A 119 -9.25 13.87 6.66
CA TYR A 119 -10.24 14.02 7.72
C TYR A 119 -9.62 14.72 8.91
N SER A 120 -8.36 14.47 9.18
CA SER A 120 -7.66 15.14 10.30
C SER A 120 -7.61 16.69 10.21
N ARG A 121 -7.81 17.22 9.02
CA ARG A 121 -7.80 18.68 8.83
C ARG A 121 -9.19 19.29 8.99
N LEU A 122 -10.17 18.46 9.35
CA LEU A 122 -11.50 18.89 9.60
C LEU A 122 -11.82 18.62 11.09
N GLU A 123 -12.65 19.48 11.68
CA GLU A 123 -12.97 19.45 13.14
C GLU A 123 -13.57 18.16 13.67
N THR A 124 -14.44 17.54 12.89
CA THR A 124 -15.09 16.30 13.30
C THR A 124 -14.21 15.05 13.19
N GLY A 125 -13.15 15.12 12.37
CA GLY A 125 -12.36 13.95 12.08
C GLY A 125 -11.46 13.51 13.22
N PRO A 126 -10.56 12.54 12.95
CA PRO A 126 -9.37 12.35 13.74
C PRO A 126 -8.82 13.70 14.08
N ARG A 127 -8.29 13.84 15.28
CA ARG A 127 -7.75 15.13 15.67
C ARG A 127 -6.48 15.42 14.91
N HIS A 128 -6.03 16.66 15.03
CA HIS A 128 -4.79 17.09 14.44
C HIS A 128 -3.71 16.04 14.74
N ILE A 129 -2.93 15.67 13.72
CA ILE A 129 -1.98 14.60 13.86
C ILE A 129 -0.66 15.26 14.18
N PRO A 130 -0.08 14.98 15.35
CA PRO A 130 1.22 15.62 15.62
C PRO A 130 2.37 15.01 14.81
N LEU A 131 3.46 15.77 14.71
CA LEU A 131 4.63 15.37 13.93
C LEU A 131 5.14 13.97 14.26
N GLN A 132 5.23 13.67 15.56
CA GLN A 132 5.65 12.35 16.01
C GLN A 132 4.84 11.21 15.43
N THR A 133 3.53 11.43 15.33
CA THR A 133 2.63 10.43 14.74
C THR A 133 2.80 10.37 13.20
N LEU A 134 2.95 11.52 12.54
CA LEU A 134 3.29 11.48 11.11
C LEU A 134 4.51 10.66 10.80
N LEU A 135 5.60 10.87 11.56
CA LEU A 135 6.81 10.09 11.39
C LEU A 135 6.61 8.62 11.68
N ARG A 136 5.82 8.29 12.69
CA ARG A 136 5.53 6.91 12.99
C ARG A 136 4.84 6.16 11.81
N PHE A 137 3.92 6.85 11.13
CA PHE A 137 3.30 6.35 9.90
C PHE A 137 4.36 6.07 8.84
N MET A 138 5.35 6.99 8.71
CA MET A 138 6.42 6.79 7.73
C MET A 138 7.29 5.60 8.12
N VAL A 139 7.60 5.52 9.40
CA VAL A 139 8.39 4.39 9.86
C VAL A 139 7.66 3.05 9.59
N ASP A 140 6.37 3.00 9.91
CA ASP A 140 5.55 1.78 9.69
C ASP A 140 5.61 1.33 8.22
N ILE A 141 5.43 2.28 7.31
CA ILE A 141 5.43 2.01 5.86
C ILE A 141 6.78 1.52 5.42
N ALA A 142 7.85 2.15 5.95
CA ALA A 142 9.20 1.71 5.63
C ALA A 142 9.50 0.29 6.05
N LEU A 143 9.03 -0.07 7.22
CA LEU A 143 9.20 -1.41 7.77
C LEU A 143 8.48 -2.47 6.91
N GLY A 144 7.28 -2.18 6.47
CA GLY A 144 6.57 -3.04 5.52
C GLY A 144 7.26 -3.17 4.20
N MET A 145 7.74 -2.04 3.67
CA MET A 145 8.48 -2.05 2.41
C MET A 145 9.84 -2.71 2.52
N GLU A 146 10.53 -2.54 3.64
CA GLU A 146 11.77 -3.25 3.92
C GLU A 146 11.55 -4.76 3.85
N TYR A 147 10.53 -5.24 4.55
CA TYR A 147 10.15 -6.66 4.50
C TYR A 147 9.88 -7.13 3.08
N LEU A 148 9.08 -6.41 2.32
CA LEU A 148 8.74 -6.83 0.96
C LEU A 148 9.93 -6.76 -0.01
N SER A 149 10.75 -5.74 0.10
CA SER A 149 11.91 -5.64 -0.77
C SER A 149 12.91 -6.73 -0.42
N ASN A 150 13.04 -7.07 0.87
CA ASN A 150 13.88 -8.21 1.31
C ASN A 150 13.50 -9.58 0.74
N ARG A 151 12.26 -9.73 0.29
CA ARG A 151 11.87 -10.87 -0.51
C ARG A 151 11.52 -10.51 -1.93
N ASN A 152 12.15 -9.44 -2.46
CA ASN A 152 12.07 -9.01 -3.86
C ASN A 152 10.68 -8.90 -4.44
N PHE A 153 9.72 -8.53 -3.61
CA PHE A 153 8.40 -8.20 -4.09
C PHE A 153 8.45 -6.73 -4.51
N LEU A 154 7.95 -6.45 -5.70
CA LEU A 154 7.85 -5.09 -6.20
C LEU A 154 6.41 -4.67 -6.05
N HIS A 155 6.18 -3.57 -5.34
CA HIS A 155 4.84 -3.07 -5.07
C HIS A 155 4.17 -2.48 -6.31
N ARG A 156 4.80 -1.46 -6.89
CA ARG A 156 4.40 -0.79 -8.14
C ARG A 156 3.34 0.31 -8.04
N ASP A 157 2.75 0.49 -6.86
CA ASP A 157 1.71 1.47 -6.66
C ASP A 157 1.68 2.00 -5.20
N LEU A 158 2.85 2.19 -4.61
CA LEU A 158 2.93 2.69 -3.24
C LEU A 158 2.43 4.14 -3.25
N ALA A 159 1.45 4.42 -2.42
CA ALA A 159 0.93 5.77 -2.27
C ALA A 159 0.12 5.75 -0.99
N ALA A 160 -0.18 6.91 -0.43
CA ALA A 160 -0.92 6.92 0.85
C ALA A 160 -2.31 6.27 0.73
N ARG A 161 -2.92 6.38 -0.44
CA ARG A 161 -4.23 5.76 -0.69
C ARG A 161 -4.21 4.22 -0.59
N ASN A 162 -3.01 3.62 -0.68
CA ASN A 162 -2.84 2.16 -0.57
C ASN A 162 -2.22 1.72 0.75
N CYS A 163 -2.22 2.62 1.73
CA CYS A 163 -1.78 2.24 3.07
C CYS A 163 -2.98 2.28 3.95
N MET A 164 -3.10 1.31 4.85
CA MET A 164 -4.28 1.21 5.69
C MET A 164 -3.90 1.38 7.16
N LEU A 165 -4.84 1.92 7.91
CA LEU A 165 -4.70 2.16 9.35
C LEU A 165 -5.48 1.14 10.15
N ARG A 166 -4.76 0.41 11.00
CA ARG A 166 -5.34 -0.58 11.89
C ARG A 166 -5.90 0.13 13.12
N ASP A 167 -6.71 -0.63 13.87
CA ASP A 167 -7.33 -0.15 15.12
C ASP A 167 -6.36 0.46 16.10
N ASP A 168 -5.17 -0.13 16.23
CA ASP A 168 -4.14 0.38 17.12
C ASP A 168 -3.22 1.43 16.46
N MET A 169 -3.67 2.03 15.35
CA MET A 169 -2.96 3.11 14.66
C MET A 169 -1.64 2.74 13.96
N THR A 170 -1.32 1.45 13.89
CA THR A 170 -0.26 0.94 13.03
C THR A 170 -0.68 1.07 11.56
N VAL A 171 0.26 1.46 10.72
CA VAL A 171 -0.01 1.55 9.30
C VAL A 171 0.48 0.26 8.66
N CYS A 172 -0.25 -0.23 7.67
CA CYS A 172 0.24 -1.33 6.88
C CYS A 172 0.07 -1.09 5.37
N VAL A 173 1.03 -1.61 4.64
CA VAL A 173 1.09 -1.56 3.20
C VAL A 173 0.02 -2.49 2.60
N ALA A 174 -0.75 -1.95 1.65
CA ALA A 174 -1.80 -2.67 0.90
C ALA A 174 -1.80 -2.30 -0.60
N ASP A 175 -2.83 -2.68 -1.33
CA ASP A 175 -2.92 -2.39 -2.77
C ASP A 175 -4.37 -2.62 -3.25
N PHE A 176 -5.11 -1.54 -3.49
CA PHE A 176 -6.51 -1.64 -3.96
C PHE A 176 -6.64 -2.15 -5.41
N PRO A 197 -1.75 7.45 -12.21
CA PRO A 197 -0.79 7.18 -11.15
C PRO A 197 0.56 7.87 -11.40
N VAL A 198 0.62 8.74 -12.40
CA VAL A 198 1.91 9.27 -12.93
C VAL A 198 2.81 9.93 -11.89
N LYS A 199 2.22 10.64 -10.92
CA LYS A 199 2.96 11.49 -10.01
C LYS A 199 3.67 10.73 -8.88
N TRP A 200 3.53 9.41 -8.86
CA TRP A 200 4.27 8.51 -7.97
C TRP A 200 5.35 7.68 -8.68
N ILE A 201 5.48 7.86 -9.99
CA ILE A 201 6.29 6.99 -10.81
C ILE A 201 7.69 7.56 -11.02
N ALA A 202 8.69 6.75 -10.66
CA ALA A 202 10.08 7.17 -10.78
C ALA A 202 10.45 7.56 -12.22
N ILE A 203 11.35 8.53 -12.34
CA ILE A 203 11.79 9.09 -13.62
C ILE A 203 12.25 8.03 -14.62
N GLU A 204 13.02 7.02 -14.15
CA GLU A 204 13.48 5.93 -15.04
C GLU A 204 12.34 5.07 -15.59
N SER A 205 11.27 4.89 -14.80
CA SER A 205 10.14 4.05 -15.21
C SER A 205 9.18 4.78 -16.12
N LEU A 206 9.15 6.09 -16.04
CA LEU A 206 8.46 6.89 -17.05
C LEU A 206 9.18 6.75 -18.41
N ALA A 207 10.52 6.86 -18.39
CA ALA A 207 11.35 6.78 -19.61
C ALA A 207 11.43 5.35 -20.18
N ASP A 208 12.13 4.47 -19.47
CA ASP A 208 12.48 3.16 -19.97
C ASP A 208 11.47 2.04 -19.64
N ARG A 209 10.28 2.36 -19.12
CA ARG A 209 9.30 1.34 -18.65
C ARG A 209 9.99 0.16 -17.93
N VAL A 210 10.88 0.50 -17.00
CA VAL A 210 11.66 -0.43 -16.20
C VAL A 210 11.33 -0.17 -14.71
N TYR A 211 11.33 -1.23 -13.90
CA TYR A 211 10.91 -1.11 -12.51
C TYR A 211 11.67 -2.01 -11.54
N THR A 212 12.34 -1.37 -10.57
CA THR A 212 13.00 -2.06 -9.48
C THR A 212 12.51 -1.57 -8.12
N SER A 213 13.08 -2.15 -7.06
CA SER A 213 12.85 -1.67 -5.72
C SER A 213 13.20 -0.22 -5.55
N LYS A 214 14.14 0.31 -6.33
CA LYS A 214 14.49 1.73 -6.21
C LYS A 214 13.43 2.62 -6.78
N SER A 215 12.63 2.10 -7.70
CA SER A 215 11.42 2.77 -8.14
C SER A 215 10.35 2.82 -7.04
N ASP A 216 10.19 1.74 -6.28
CA ASP A 216 9.38 1.76 -5.07
C ASP A 216 9.90 2.83 -4.08
N VAL A 217 11.23 2.97 -3.92
CA VAL A 217 11.77 3.97 -2.98
C VAL A 217 11.32 5.34 -3.42
N TRP A 218 11.29 5.57 -4.72
CA TRP A 218 10.84 6.84 -5.26
C TRP A 218 9.41 7.12 -4.81
N ALA A 219 8.54 6.13 -5.04
CA ALA A 219 7.14 6.25 -4.64
C ALA A 219 6.97 6.45 -3.14
N PHE A 220 7.80 5.80 -2.34
CA PHE A 220 7.82 6.00 -0.90
C PHE A 220 8.12 7.43 -0.59
N GLY A 221 9.10 8.01 -1.27
CA GLY A 221 9.39 9.45 -1.05
C GLY A 221 8.20 10.33 -1.30
N VAL A 222 7.47 10.06 -2.40
CA VAL A 222 6.26 10.82 -2.68
C VAL A 222 5.19 10.62 -1.56
N THR A 223 5.13 9.40 -1.04
CA THR A 223 4.18 9.03 -0.03
C THR A 223 4.51 9.75 1.28
N MET A 224 5.79 9.86 1.63
CA MET A 224 6.25 10.64 2.75
C MET A 224 5.77 12.10 2.64
N TRP A 225 5.92 12.68 1.46
CA TRP A 225 5.45 14.04 1.15
C TRP A 225 3.94 14.16 1.26
N GLU A 226 3.18 13.18 0.73
CA GLU A 226 1.73 13.19 1.01
C GLU A 226 1.44 13.17 2.54
N ILE A 227 2.16 12.40 3.31
CA ILE A 227 1.93 12.41 4.76
C ILE A 227 2.30 13.76 5.43
N ALA A 228 3.48 14.28 5.11
CA ALA A 228 3.95 15.54 5.67
C ALA A 228 3.06 16.73 5.29
N THR A 229 2.46 16.71 4.09
CA THR A 229 1.44 17.73 3.70
C THR A 229 0.01 17.46 4.16
N ARG A 230 -0.18 16.40 4.93
CA ARG A 230 -1.50 15.98 5.40
C ARG A 230 -2.50 15.85 4.26
N GLY A 231 -2.01 15.25 3.17
CA GLY A 231 -2.82 14.72 2.07
C GLY A 231 -2.91 15.53 0.81
N MET A 232 -1.98 16.45 0.58
CA MET A 232 -1.96 17.16 -0.69
C MET A 232 -1.66 16.24 -1.87
N THR A 233 -2.21 16.60 -3.02
CA THR A 233 -1.86 15.99 -4.28
C THR A 233 -0.47 16.44 -4.69
N PRO A 234 0.41 15.51 -5.05
CA PRO A 234 1.78 15.84 -5.44
C PRO A 234 1.82 16.81 -6.63
N TYR A 235 2.77 17.74 -6.55
CA TYR A 235 3.15 18.66 -7.66
C TYR A 235 1.98 19.57 -8.05
N PRO A 236 1.50 20.39 -7.10
CA PRO A 236 0.52 21.40 -7.39
C PRO A 236 0.99 22.30 -8.54
N GLY A 237 0.13 22.50 -9.53
CA GLY A 237 0.44 23.35 -10.68
C GLY A 237 1.04 22.62 -11.86
N VAL A 238 1.28 21.31 -11.73
CA VAL A 238 1.88 20.52 -12.77
C VAL A 238 0.86 19.45 -13.18
N GLN A 239 0.56 19.39 -14.47
CA GLN A 239 -0.38 18.38 -14.98
C GLN A 239 0.35 17.10 -15.22
N ASN A 240 -0.37 16.00 -15.27
CA ASN A 240 0.24 14.69 -15.51
C ASN A 240 1.03 14.63 -16.80
N HIS A 241 0.48 15.19 -17.88
CA HIS A 241 1.13 15.15 -19.20
C HIS A 241 2.49 15.86 -19.21
N GLU A 242 2.68 16.83 -18.32
CA GLU A 242 3.97 17.53 -18.20
C GLU A 242 4.99 16.91 -17.19
N MET A 243 4.69 15.75 -16.59
CA MET A 243 5.52 15.25 -15.47
C MET A 243 6.92 14.77 -15.82
N TYR A 244 7.05 13.98 -16.90
CA TYR A 244 8.36 13.49 -17.33
C TYR A 244 9.32 14.64 -17.58
N ASP A 245 8.85 15.62 -18.34
CA ASP A 245 9.66 16.78 -18.65
C ASP A 245 10.01 17.57 -17.42
N TYR A 246 9.03 17.76 -16.54
CA TYR A 246 9.30 18.51 -15.31
C TYR A 246 10.47 17.86 -14.55
N LEU A 247 10.43 16.53 -14.43
CA LEU A 247 11.51 15.79 -13.71
C LEU A 247 12.83 15.76 -14.50
N LEU A 248 12.75 15.65 -15.83
CA LEU A 248 13.96 15.69 -16.68
C LEU A 248 14.80 16.93 -16.40
N HIS A 249 14.16 18.08 -16.26
CA HIS A 249 14.84 19.32 -15.86
C HIS A 249 15.28 19.44 -14.40
N GLY A 250 15.21 18.36 -13.62
CA GLY A 250 15.71 18.36 -12.23
C GLY A 250 14.75 18.88 -11.17
N HIS A 251 13.51 19.17 -11.53
CA HIS A 251 12.55 19.65 -10.54
C HIS A 251 12.02 18.49 -9.72
N ARG A 252 11.74 18.77 -8.46
CA ARG A 252 11.22 17.79 -7.50
C ARG A 252 10.13 18.41 -6.64
N LEU A 253 9.39 17.56 -5.95
CA LEU A 253 8.44 18.04 -4.96
C LEU A 253 9.11 19.01 -4.05
N LYS A 254 8.40 20.07 -3.74
CA LYS A 254 8.91 21.08 -2.83
C LYS A 254 8.76 20.71 -1.36
N GLN A 255 9.61 21.29 -0.53
CA GLN A 255 9.58 21.07 0.90
C GLN A 255 8.29 21.62 1.49
N PRO A 256 7.52 20.76 2.22
CA PRO A 256 6.30 21.23 2.86
C PRO A 256 6.60 22.26 3.91
N GLU A 257 5.63 23.14 4.16
CA GLU A 257 5.70 24.10 5.23
C GLU A 257 5.74 23.30 6.53
N ASP A 258 6.53 23.78 7.49
CA ASP A 258 6.73 23.09 8.76
C ASP A 258 7.34 21.67 8.66
N CYS A 259 7.90 21.29 7.50
CA CYS A 259 8.58 20.00 7.40
C CYS A 259 10.02 20.26 7.78
N LEU A 260 10.51 19.49 8.77
CA LEU A 260 11.91 19.60 9.24
C LEU A 260 12.81 19.38 8.11
N ASP A 261 13.94 20.10 8.13
CA ASP A 261 14.91 20.01 7.07
C ASP A 261 15.42 18.57 6.92
N GLU A 262 15.69 17.91 8.05
CA GLU A 262 16.20 16.53 8.04
C GLU A 262 15.20 15.55 7.39
N LEU A 263 13.92 15.73 7.70
CA LEU A 263 12.85 14.95 7.07
C LEU A 263 12.79 15.19 5.58
N TYR A 264 12.88 16.46 5.15
CA TYR A 264 12.91 16.72 3.71
C TYR A 264 14.07 16.09 2.99
N GLU A 265 15.26 16.10 3.61
CA GLU A 265 16.45 15.45 3.00
C GLU A 265 16.27 13.95 2.76
N ILE A 266 15.61 13.30 3.71
CA ILE A 266 15.26 11.88 3.57
C ILE A 266 14.37 11.71 2.36
N MET A 267 13.31 12.51 2.24
CA MET A 267 12.43 12.33 1.07
C MET A 267 13.13 12.70 -0.23
N TYR A 268 13.94 13.76 -0.20
CA TYR A 268 14.66 14.19 -1.41
C TYR A 268 15.62 13.12 -1.91
N SER A 269 16.30 12.46 -0.97
CA SER A 269 17.14 11.28 -1.32
C SER A 269 16.46 10.18 -2.09
N CYS A 270 15.15 10.03 -1.88
CA CYS A 270 14.36 9.07 -2.66
C CYS A 270 14.20 9.39 -4.14
N TRP A 271 14.43 10.64 -4.55
CA TRP A 271 14.17 11.06 -5.94
C TRP A 271 15.47 11.33 -6.75
N ARG A 272 16.60 10.78 -6.29
CA ARG A 272 17.88 11.04 -6.97
C ARG A 272 17.70 10.41 -8.34
N THR A 273 18.22 11.06 -9.38
CA THR A 273 17.98 10.62 -10.78
C THR A 273 18.45 9.19 -11.00
N ASP A 274 19.60 8.85 -10.40
CA ASP A 274 20.18 7.53 -10.56
C ASP A 274 19.66 6.59 -9.48
N PRO A 275 18.93 5.54 -9.86
CA PRO A 275 18.37 4.60 -8.86
C PRO A 275 19.37 4.07 -7.84
N LEU A 276 20.60 3.82 -8.29
CA LEU A 276 21.65 3.28 -7.42
C LEU A 276 22.05 4.28 -6.36
N ASP A 277 21.82 5.57 -6.58
CA ASP A 277 22.08 6.59 -5.54
C ASP A 277 21.02 6.70 -4.44
N ARG A 278 19.84 6.14 -4.70
CA ARG A 278 18.73 6.22 -3.73
C ARG A 278 19.01 5.24 -2.61
N PRO A 279 18.68 5.61 -1.38
CA PRO A 279 18.86 4.64 -0.32
C PRO A 279 17.88 3.46 -0.45
N THR A 280 18.25 2.31 0.13
CA THR A 280 17.32 1.19 0.33
C THR A 280 16.28 1.49 1.42
N PHE A 281 15.21 0.69 1.43
CA PHE A 281 14.25 0.80 2.51
C PHE A 281 14.84 0.58 3.89
N SER A 282 15.82 -0.32 4.03
CA SER A 282 16.44 -0.51 5.34
C SER A 282 17.14 0.72 5.84
N VAL A 283 17.80 1.40 4.93
CA VAL A 283 18.58 2.60 5.27
C VAL A 283 17.58 3.68 5.63
N LEU A 284 16.56 3.83 4.79
CA LEU A 284 15.50 4.82 5.08
C LEU A 284 14.84 4.60 6.42
N ARG A 285 14.49 3.34 6.73
CA ARG A 285 13.77 3.06 7.92
C ARG A 285 14.57 3.51 9.15
N LEU A 286 15.87 3.21 9.16
CA LEU A 286 16.66 3.63 10.32
C LEU A 286 16.84 5.14 10.37
N GLN A 287 16.97 5.79 9.21
CA GLN A 287 17.02 7.28 9.19
C GLN A 287 15.78 7.84 9.84
N LEU A 288 14.60 7.31 9.46
CA LEU A 288 13.36 7.81 10.03
C LEU A 288 13.21 7.49 11.52
N GLU A 289 13.60 6.29 11.94
CA GLU A 289 13.54 5.95 13.39
C GLU A 289 14.44 6.86 14.24
N ARG A 290 15.60 7.20 13.72
CA ARG A 290 16.56 8.04 14.41
C ARG A 290 15.98 9.43 14.53
N LEU A 291 15.44 9.94 13.43
CA LEU A 291 14.78 11.25 13.49
C LEU A 291 13.67 11.23 14.53
N LEU A 292 12.82 10.20 14.50
CA LEU A 292 11.70 10.14 15.43
C LEU A 292 12.14 10.10 16.91
N GLU A 293 13.15 9.30 17.22
CA GLU A 293 13.68 9.26 18.59
C GLU A 293 14.19 10.64 19.03
N SER A 294 14.80 11.41 18.12
CA SER A 294 15.34 12.73 18.51
C SER A 294 14.28 13.77 18.90
N LEU A 295 13.04 13.61 18.44
CA LEU A 295 12.03 14.64 18.64
C LEU A 295 11.62 14.78 20.13
N PRO A 296 11.64 16.02 20.65
CA PRO A 296 11.50 16.25 22.11
C PRO A 296 10.18 15.75 22.70
C1 R6H B . -0.34 -5.96 -1.74
C2 R6H B . -2.70 -6.58 -1.94
C3 R6H B . -2.53 -7.41 -3.02
O4 R6H B . -13.17 1.45 2.59
C7 R6H B . -6.78 -3.54 0.33
C8 R6H B . -7.71 -2.78 1.02
C9 R6H B . -9.06 -3.09 0.90
C10 R6H B . -10.22 -2.45 2.91
C11 R6H B . -9.62 -3.37 3.74
C12 R6H B . -9.88 -3.28 5.10
C13 R6H B . -11.25 -1.45 4.86
C14 R6H B . -12.08 -0.48 5.45
C15 R6H B . -12.69 0.47 4.67
C16 R6H B . -13.58 1.69 6.55
C19 R6H B . -11.71 -0.47 2.68
C20 R6H B . -11.06 -1.46 3.46
C21 R6H B . -9.43 -4.14 0.10
C22 R6H B . -8.52 -4.91 -0.59
C24 R6H B . -3.74 -7.93 -5.96
C27 R6H B . -4.73 -10.51 -5.69
F1 R6H B . -4.72 -10.71 -8.03
C26 R6H B . -4.48 -9.96 -6.92
C25 R6H B . -3.99 -8.69 -7.10
C28 R6H B . -4.50 -9.76 -4.54
C29 R6H B . -4.78 -10.35 -3.21
C23 R6H B . -4.01 -8.47 -4.71
N R6H B . -3.73 -7.65 -3.57
N1 R6H B . -4.74 -7.02 -2.91
C4 R6H B . -4.12 -6.36 -1.91
O R6H B . -1.67 -6.13 -1.14
C R6H B . 0.56 -5.11 -0.86
C5 R6H B . -4.88 -5.52 -0.95
O1 R6H B . -4.28 -4.99 -0.02
N2 R6H B . -6.24 -5.40 -1.19
C6 R6H B . -7.17 -4.61 -0.47
F R6H B . -10.74 -4.43 -0.01
O2 R6H B . -10.09 -2.40 1.54
N3 R6H B . -10.66 -2.37 5.68
C17 R6H B . -12.51 0.46 3.27
C18 R6H B . -13.14 1.42 1.17
O3 R6H B . -13.52 1.46 5.13
CL CL C . 5.61 20.44 -5.42
CL CL D . -4.95 19.43 -0.17
CL CL E . -23.77 -13.22 1.74
#